data_2X7W
#
_entry.id   2X7W
#
_cell.length_a   123.190
_cell.length_b   123.190
_cell.length_c   35.340
_cell.angle_alpha   90.00
_cell.angle_beta   90.00
_cell.angle_gamma   120.00
#
_symmetry.space_group_name_H-M   'P 61'
#
loop_
_entity.id
_entity.type
_entity.pdbx_description
1 polymer 'PROBABLE ENDONUCLEASE 4'
2 non-polymer 'ZINC ION'
3 non-polymer 'CADMIUM ION'
4 non-polymer BICINE
5 water water
#
_entity_poly.entity_id   1
_entity_poly.type   'polypeptide(L)'
_entity_poly.pdbx_seq_one_letter_code
;MIKIGAHMPISKGFDRVPQDTVNIGGNSFQIFPHNARSWSAKLPSDEAATKFKREMKKHGIDWENAFCHSGYLINLASPK
DDIWQKSVELLKKEVEICRKLGIRYLNIHPGSHLGTGEEEGIDRIVRGLNEVLNNTEGVVILLENVSQKGGNIGYKLEQL
KKIRDLVDQRDRVAITYDTCHGFDSGYDITKKEGVEALLNEIESLFGLERLKMIHLNDSKYPLGAAKDRHERIGSGFIGE
EGFAVFFSFKEIQEVPWILETPGGNEEHAEDIKKVFEIIEKFGIEVD
;
_entity_poly.pdbx_strand_id   A
#
loop_
_chem_comp.id
_chem_comp.type
_chem_comp.name
_chem_comp.formula
BCN non-polymer BICINE 'C6 H13 N O4'
CD non-polymer 'CADMIUM ION' 'Cd 2'
ZN non-polymer 'ZINC ION' 'Zn 2'
#
# COMPACT_ATOMS: atom_id res chain seq x y z
N MET A 1 -4.42 18.89 5.34
CA MET A 1 -4.15 19.04 3.92
C MET A 1 -4.27 17.70 3.21
N ILE A 2 -4.44 17.74 1.89
CA ILE A 2 -4.49 16.51 1.12
C ILE A 2 -3.09 15.98 0.86
N LYS A 3 -2.85 14.75 1.29
CA LYS A 3 -1.58 14.08 1.06
C LYS A 3 -1.76 13.08 -0.07
N ILE A 4 -1.14 13.35 -1.21
CA ILE A 4 -1.38 12.55 -2.40
C ILE A 4 -0.11 12.35 -3.25
N GLY A 5 -0.01 11.18 -3.87
CA GLY A 5 1.12 10.86 -4.71
C GLY A 5 0.85 9.60 -5.50
N ALA A 6 1.92 8.92 -5.90
CA ALA A 6 1.79 7.73 -6.73
C ALA A 6 2.96 6.78 -6.50
N HIS A 7 2.84 5.56 -7.00
CA HIS A 7 3.98 4.66 -7.07
C HIS A 7 4.92 5.26 -8.11
N MET A 8 6.19 5.44 -7.73
CA MET A 8 7.17 6.09 -8.61
C MET A 8 8.25 5.11 -9.07
N PRO A 9 8.67 5.23 -10.34
CA PRO A 9 9.77 4.43 -10.86
C PRO A 9 11.10 4.76 -10.16
N ILE A 10 11.91 3.74 -9.90
CA ILE A 10 13.20 3.94 -9.24
C ILE A 10 14.36 3.64 -10.19
N SER A 11 14.04 3.36 -11.45
CA SER A 11 15.05 2.87 -12.41
C SER A 11 16.16 3.88 -12.72
N LYS A 12 15.86 5.18 -12.57
CA LYS A 12 16.88 6.21 -12.74
C LYS A 12 17.51 6.62 -11.41
N GLY A 13 17.22 5.86 -10.35
CA GLY A 13 17.77 6.14 -9.04
C GLY A 13 16.71 6.57 -8.03
N PHE A 14 16.92 6.20 -6.77
CA PHE A 14 16.02 6.61 -5.70
C PHE A 14 15.98 8.13 -5.56
N ASP A 15 17.13 8.76 -5.76
CA ASP A 15 17.27 10.19 -5.50
C ASP A 15 16.44 11.08 -6.43
N ARG A 16 15.95 10.51 -7.52
CA ARG A 16 15.14 11.28 -8.46
C ARG A 16 13.65 11.30 -8.08
N VAL A 17 13.25 10.39 -7.18
CA VAL A 17 11.85 10.25 -6.80
C VAL A 17 11.21 11.48 -6.12
N PRO A 18 11.93 12.14 -5.19
CA PRO A 18 11.34 13.33 -4.58
C PRO A 18 11.01 14.43 -5.60
N GLN A 19 11.95 14.72 -6.50
CA GLN A 19 11.73 15.72 -7.55
C GLN A 19 10.58 15.29 -8.47
N ASP A 20 10.55 14.02 -8.86
CA ASP A 20 9.51 13.51 -9.73
C ASP A 20 8.14 13.62 -9.07
N THR A 21 8.12 13.53 -7.76
CA THR A 21 6.88 13.58 -7.00
C THR A 21 6.27 14.97 -7.06
N VAL A 22 7.05 16.00 -6.75
CA VAL A 22 6.52 17.36 -6.80
C VAL A 22 6.21 17.78 -8.24
N ASN A 23 6.92 17.19 -9.21
CA ASN A 23 6.67 17.50 -10.63
C ASN A 23 5.35 16.96 -11.17
N ILE A 24 4.78 15.97 -10.50
CA ILE A 24 3.44 15.49 -10.85
C ILE A 24 2.38 16.06 -9.92
N GLY A 25 2.80 16.95 -9.03
CA GLY A 25 1.87 17.63 -8.14
C GLY A 25 1.61 16.89 -6.83
N GLY A 26 2.51 15.99 -6.47
CA GLY A 26 2.35 15.20 -5.27
C GLY A 26 3.25 15.62 -4.12
N ASN A 27 2.98 15.08 -2.94
CA ASN A 27 3.80 15.31 -1.76
C ASN A 27 3.93 14.01 -0.95
N SER A 28 3.63 12.90 -1.61
CA SER A 28 3.71 11.57 -1.02
C SER A 28 4.16 10.65 -2.14
N PHE A 29 4.64 9.46 -1.79
CA PHE A 29 4.99 8.47 -2.83
C PHE A 29 5.20 7.06 -2.32
N GLN A 30 5.18 6.12 -3.27
CA GLN A 30 5.48 4.72 -3.02
C GLN A 30 6.55 4.27 -4.02
N ILE A 31 7.45 3.40 -3.58
CA ILE A 31 8.50 2.89 -4.45
C ILE A 31 8.80 1.43 -4.13
N PHE A 32 9.24 0.67 -5.12
CA PHE A 32 9.82 -0.64 -4.85
C PHE A 32 11.17 -0.41 -4.19
N PRO A 33 11.59 -1.35 -3.32
CA PRO A 33 12.87 -1.19 -2.63
C PRO A 33 14.04 -1.67 -3.49
N HIS A 34 13.74 -2.24 -4.64
CA HIS A 34 14.76 -2.76 -5.56
C HIS A 34 14.11 -3.22 -6.86
N ASN A 35 14.93 -3.70 -7.78
CA ASN A 35 14.42 -4.27 -9.03
C ASN A 35 15.04 -5.64 -9.29
N ALA A 36 15.16 -6.44 -8.24
CA ALA A 36 15.74 -7.77 -8.35
C ALA A 36 14.83 -8.73 -9.12
N ARG A 37 15.44 -9.63 -9.87
CA ARG A 37 14.72 -10.62 -10.66
C ARG A 37 14.38 -11.85 -9.84
N SER A 38 15.19 -12.12 -8.82
CA SER A 38 15.02 -13.33 -8.03
C SER A 38 14.97 -13.04 -6.53
N TRP A 39 15.50 -13.95 -5.74
CA TRP A 39 15.33 -13.88 -4.29
C TRP A 39 16.41 -13.07 -3.56
N SER A 40 17.38 -12.58 -4.32
CA SER A 40 18.44 -11.74 -3.75
C SER A 40 18.34 -10.31 -4.29
N ALA A 41 18.40 -9.34 -3.39
CA ALA A 41 18.35 -7.94 -3.77
C ALA A 41 19.52 -7.17 -3.15
N LYS A 42 20.05 -6.21 -3.91
CA LYS A 42 21.14 -5.37 -3.42
C LYS A 42 20.61 -4.25 -2.53
N LEU A 43 21.42 -3.85 -1.56
CA LEU A 43 21.14 -2.64 -0.79
C LEU A 43 21.49 -1.44 -1.65
N PRO A 44 20.82 -0.30 -1.42
CA PRO A 44 21.33 0.93 -2.05
C PRO A 44 22.70 1.20 -1.45
N SER A 45 23.61 1.78 -2.22
CA SER A 45 24.90 2.15 -1.64
C SER A 45 24.75 3.32 -0.68
N ASP A 46 25.78 3.56 0.13
CA ASP A 46 25.81 4.73 1.02
C ASP A 46 25.54 6.01 0.25
N GLU A 47 26.17 6.12 -0.91
CA GLU A 47 26.05 7.29 -1.78
C GLU A 47 24.61 7.47 -2.24
N ALA A 48 24.00 6.39 -2.75
CA ALA A 48 22.62 6.45 -3.21
C ALA A 48 21.66 6.83 -2.10
N ALA A 49 21.83 6.23 -0.92
CA ALA A 49 20.96 6.52 0.21
C ALA A 49 21.08 7.98 0.63
N THR A 50 22.32 8.49 0.67
CA THR A 50 22.56 9.87 1.04
C THR A 50 21.87 10.82 0.09
N LYS A 51 22.04 10.58 -1.20
CA LYS A 51 21.41 11.42 -2.22
C LYS A 51 19.89 11.42 -2.09
N PHE A 52 19.33 10.26 -1.79
CA PHE A 52 17.89 10.12 -1.60
C PHE A 52 17.39 10.97 -0.42
N LYS A 53 18.06 10.87 0.72
CA LYS A 53 17.71 11.66 1.88
C LYS A 53 17.87 13.16 1.64
N ARG A 54 18.92 13.54 0.91
CA ARG A 54 19.18 14.94 0.63
C ARG A 54 18.06 15.55 -0.21
N GLU A 55 17.64 14.80 -1.23
CA GLU A 55 16.55 15.22 -2.11
C GLU A 55 15.23 15.26 -1.34
N MET A 56 15.03 14.32 -0.42
CA MET A 56 13.87 14.31 0.47
C MET A 56 13.80 15.60 1.27
N LYS A 57 14.92 15.98 1.89
CA LYS A 57 14.99 17.21 2.66
C LYS A 57 14.74 18.42 1.75
N LYS A 58 15.46 18.46 0.63
CA LYS A 58 15.33 19.56 -0.31
C LYS A 58 13.88 19.85 -0.68
N HIS A 59 13.12 18.79 -0.96
CA HIS A 59 11.74 18.94 -1.42
C HIS A 59 10.71 18.84 -0.29
N GLY A 60 11.18 18.75 0.95
CA GLY A 60 10.30 18.80 2.10
C GLY A 60 9.29 17.67 2.19
N ILE A 61 9.60 16.53 1.57
CA ILE A 61 8.71 15.38 1.67
C ILE A 61 8.60 14.89 3.11
N ASP A 62 7.36 14.79 3.58
CA ASP A 62 7.08 14.28 4.93
C ASP A 62 7.36 12.78 4.95
N TRP A 63 8.20 12.35 5.88
CA TRP A 63 8.59 10.94 5.96
C TRP A 63 7.44 10.02 6.31
N GLU A 64 6.33 10.59 6.79
CA GLU A 64 5.12 9.81 7.02
C GLU A 64 4.32 9.63 5.72
N ASN A 65 4.79 10.25 4.65
CA ASN A 65 4.14 10.14 3.34
C ASN A 65 4.95 9.35 2.32
N ALA A 66 5.95 8.61 2.79
CA ALA A 66 6.84 7.88 1.89
C ALA A 66 6.84 6.40 2.22
N PHE A 67 6.54 5.57 1.22
CA PHE A 67 6.36 4.15 1.46
C PHE A 67 7.17 3.29 0.48
N CYS A 68 7.57 2.10 0.94
CA CYS A 68 8.07 1.08 0.04
C CYS A 68 7.01 0.01 -0.15
N HIS A 69 6.95 -0.58 -1.34
CA HIS A 69 6.03 -1.67 -1.62
C HIS A 69 6.84 -2.89 -2.04
N SER A 70 6.68 -4.00 -1.33
CA SER A 70 7.42 -5.22 -1.63
C SER A 70 7.00 -5.82 -2.98
N GLY A 71 7.86 -6.66 -3.55
CA GLY A 71 7.63 -7.21 -4.87
C GLY A 71 6.67 -8.37 -4.91
N TYR A 72 6.44 -8.91 -6.11
CA TYR A 72 5.44 -9.94 -6.32
C TYR A 72 5.90 -11.34 -5.93
N LEU A 73 7.21 -11.52 -5.77
CA LEU A 73 7.77 -12.84 -5.48
C LEU A 73 7.44 -13.32 -4.07
N ILE A 74 7.57 -12.42 -3.11
CA ILE A 74 7.37 -12.76 -1.70
C ILE A 74 5.97 -13.30 -1.43
N ASN A 75 5.91 -14.49 -0.84
CA ASN A 75 4.63 -15.08 -0.45
C ASN A 75 4.74 -15.81 0.88
N LEU A 76 4.42 -15.10 1.96
CA LEU A 76 4.51 -15.67 3.30
C LEU A 76 3.45 -16.73 3.60
N ALA A 77 2.49 -16.89 2.69
CA ALA A 77 1.48 -17.91 2.87
C ALA A 77 1.77 -19.15 2.04
N SER A 78 2.89 -19.14 1.32
CA SER A 78 3.24 -20.24 0.43
C SER A 78 3.30 -21.58 1.16
N PRO A 79 2.68 -22.61 0.58
CA PRO A 79 2.71 -23.98 1.11
C PRO A 79 4.04 -24.66 0.81
N LYS A 80 4.88 -24.01 -0.01
CA LYS A 80 6.22 -24.52 -0.30
C LYS A 80 7.22 -23.90 0.68
N ASP A 81 7.88 -24.76 1.45
CA ASP A 81 8.80 -24.31 2.47
C ASP A 81 9.95 -23.46 1.92
N ASP A 82 10.52 -23.88 0.79
CA ASP A 82 11.65 -23.16 0.22
C ASP A 82 11.23 -21.78 -0.27
N ILE A 83 10.01 -21.68 -0.79
CA ILE A 83 9.47 -20.39 -1.19
C ILE A 83 9.19 -19.52 0.05
N TRP A 84 8.69 -20.14 1.12
CA TRP A 84 8.45 -19.43 2.36
C TRP A 84 9.76 -18.90 2.95
N GLN A 85 10.78 -19.75 3.01
CA GLN A 85 12.08 -19.34 3.55
C GLN A 85 12.71 -18.21 2.75
N LYS A 86 12.78 -18.37 1.43
CA LYS A 86 13.34 -17.35 0.58
C LYS A 86 12.54 -16.04 0.68
N SER A 87 11.22 -16.16 0.78
CA SER A 87 10.36 -15.00 0.95
C SER A 87 10.68 -14.26 2.24
N VAL A 88 10.87 -15.02 3.31
CA VAL A 88 11.24 -14.44 4.60
C VAL A 88 12.58 -13.71 4.53
N GLU A 89 13.56 -14.33 3.90
CA GLU A 89 14.90 -13.75 3.80
C GLU A 89 14.92 -12.50 2.92
N LEU A 90 14.10 -12.48 1.87
CA LEU A 90 14.03 -11.31 1.01
C LEU A 90 13.31 -10.16 1.70
N LEU A 91 12.26 -10.47 2.46
CA LEU A 91 11.53 -9.44 3.18
C LEU A 91 12.43 -8.75 4.22
N LYS A 92 13.25 -9.54 4.93
CA LYS A 92 14.23 -8.97 5.85
C LYS A 92 15.14 -7.98 5.15
N LYS A 93 15.66 -8.39 3.99
CA LYS A 93 16.52 -7.54 3.17
C LYS A 93 15.79 -6.25 2.80
N GLU A 94 14.51 -6.37 2.45
CA GLU A 94 13.71 -5.21 2.09
C GLU A 94 13.52 -4.26 3.26
N VAL A 95 13.34 -4.82 4.45
CA VAL A 95 13.31 -4.01 5.66
C VAL A 95 14.62 -3.23 5.80
N GLU A 96 15.74 -3.93 5.63
CA GLU A 96 17.06 -3.30 5.71
C GLU A 96 17.29 -2.23 4.64
N ILE A 97 16.70 -2.42 3.46
CA ILE A 97 16.73 -1.39 2.43
C ILE A 97 15.95 -0.16 2.90
N CYS A 98 14.78 -0.39 3.50
CA CYS A 98 13.99 0.70 4.06
C CYS A 98 14.78 1.45 5.12
N ARG A 99 15.41 0.70 6.03
CA ARG A 99 16.24 1.29 7.07
C ARG A 99 17.33 2.19 6.49
N LYS A 100 18.03 1.68 5.48
CA LYS A 100 19.10 2.43 4.81
C LYS A 100 18.58 3.72 4.18
N LEU A 101 17.44 3.63 3.51
CA LEU A 101 16.85 4.78 2.83
C LEU A 101 16.19 5.74 3.83
N GLY A 102 15.88 5.24 5.02
CA GLY A 102 15.14 6.02 6.00
C GLY A 102 13.63 5.83 5.90
N ILE A 103 13.19 4.98 4.97
CA ILE A 103 11.77 4.69 4.79
C ILE A 103 11.18 3.99 6.01
N ARG A 104 10.02 4.46 6.47
CA ARG A 104 9.43 3.96 7.70
C ARG A 104 8.41 2.85 7.48
N TYR A 105 7.99 2.65 6.23
CA TYR A 105 6.92 1.71 5.94
C TYR A 105 7.21 0.80 4.76
N LEU A 106 6.96 -0.50 4.97
CA LEU A 106 7.06 -1.49 3.91
C LEU A 106 5.71 -2.19 3.75
N ASN A 107 5.11 -2.02 2.57
CA ASN A 107 3.77 -2.52 2.31
C ASN A 107 3.79 -3.84 1.55
N ILE A 108 3.00 -4.81 2.03
CA ILE A 108 2.92 -6.11 1.38
C ILE A 108 1.49 -6.61 1.24
N HIS A 109 1.27 -7.48 0.26
CA HIS A 109 0.08 -8.31 0.24
C HIS A 109 0.38 -9.49 1.16
N PRO A 110 -0.58 -9.84 2.04
CA PRO A 110 -0.33 -10.89 3.03
C PRO A 110 0.19 -12.20 2.41
N GLY A 111 -0.45 -12.67 1.35
CA GLY A 111 0.00 -13.88 0.68
C GLY A 111 -1.12 -14.72 0.08
N SER A 112 -0.75 -15.80 -0.58
CA SER A 112 -1.71 -16.74 -1.12
C SER A 112 -1.38 -18.16 -0.67
N HIS A 113 -2.38 -18.87 -0.16
CA HIS A 113 -2.16 -20.25 0.30
C HIS A 113 -2.21 -21.25 -0.87
N LEU A 114 -2.50 -20.75 -2.06
CA LEU A 114 -2.49 -21.56 -3.28
C LEU A 114 -3.37 -22.79 -3.18
N GLY A 115 -4.44 -22.69 -2.38
CA GLY A 115 -5.41 -23.77 -2.27
C GLY A 115 -5.11 -24.78 -1.18
N THR A 116 -4.25 -24.43 -0.23
CA THR A 116 -3.93 -25.33 0.88
C THR A 116 -4.65 -24.92 2.17
N GLY A 117 -5.46 -23.87 2.10
CA GLY A 117 -6.25 -23.48 3.26
C GLY A 117 -5.93 -22.11 3.84
N GLU A 118 -6.97 -21.33 4.09
CA GLU A 118 -6.83 -19.98 4.61
C GLU A 118 -6.25 -19.94 6.01
N GLU A 119 -6.69 -20.85 6.88
CA GLU A 119 -6.27 -20.86 8.27
C GLU A 119 -4.78 -21.19 8.43
N GLU A 120 -4.32 -22.22 7.74
CA GLU A 120 -2.91 -22.58 7.79
C GLU A 120 -2.07 -21.52 7.12
N GLY A 121 -2.63 -20.90 6.08
CA GLY A 121 -1.95 -19.86 5.35
C GLY A 121 -1.72 -18.65 6.23
N ILE A 122 -2.72 -18.32 7.04
CA ILE A 122 -2.62 -17.20 7.96
C ILE A 122 -1.52 -17.41 9.00
N ASP A 123 -1.42 -18.62 9.53
CA ASP A 123 -0.38 -18.95 10.50
C ASP A 123 1.01 -18.82 9.91
N ARG A 124 1.16 -19.20 8.64
CA ARG A 124 2.45 -19.11 7.97
C ARG A 124 2.86 -17.65 7.82
N ILE A 125 1.91 -16.82 7.43
CA ILE A 125 2.14 -15.39 7.31
C ILE A 125 2.59 -14.85 8.65
N VAL A 126 1.85 -15.20 9.70
CA VAL A 126 2.17 -14.78 11.06
C VAL A 126 3.58 -15.17 11.43
N ARG A 127 3.93 -16.43 11.18
CA ARG A 127 5.27 -16.94 11.47
C ARG A 127 6.35 -16.23 10.65
N GLY A 128 6.05 -15.96 9.38
CA GLY A 128 6.98 -15.24 8.53
C GLY A 128 7.21 -13.84 9.04
N LEU A 129 6.13 -13.14 9.38
CA LEU A 129 6.22 -11.80 9.95
C LEU A 129 7.02 -11.77 11.24
N ASN A 130 6.86 -12.80 12.07
CA ASN A 130 7.65 -12.91 13.29
C ASN A 130 9.14 -13.03 13.02
N GLU A 131 9.52 -13.91 12.11
CA GLU A 131 10.92 -14.08 11.73
C GLU A 131 11.52 -12.76 11.23
N VAL A 132 10.74 -12.02 10.45
CA VAL A 132 11.21 -10.75 9.91
C VAL A 132 11.32 -9.68 10.99
N LEU A 133 10.19 -9.41 11.66
CA LEU A 133 10.13 -8.35 12.67
C LEU A 133 11.10 -8.61 13.83
N ASN A 134 11.14 -9.84 14.33
CA ASN A 134 12.00 -10.20 15.46
C ASN A 134 13.48 -10.16 15.12
N ASN A 135 13.79 -9.99 13.84
CA ASN A 135 15.17 -9.87 13.42
C ASN A 135 15.50 -8.52 12.76
N THR A 136 14.64 -7.53 13.00
CA THR A 136 14.82 -6.18 12.48
C THR A 136 14.29 -5.16 13.48
N GLU A 137 14.48 -3.87 13.18
CA GLU A 137 13.98 -2.80 14.03
C GLU A 137 13.42 -1.62 13.23
N GLY A 138 12.51 -0.88 13.86
CA GLY A 138 12.06 0.40 13.35
C GLY A 138 10.97 0.35 12.30
N VAL A 139 11.32 -0.19 11.13
CA VAL A 139 10.40 -0.28 10.01
C VAL A 139 9.09 -0.98 10.39
N VAL A 140 7.98 -0.35 9.99
CA VAL A 140 6.67 -0.92 10.21
C VAL A 140 6.19 -1.57 8.92
N ILE A 141 5.71 -2.81 9.02
CA ILE A 141 5.18 -3.50 7.86
C ILE A 141 3.68 -3.26 7.73
N LEU A 142 3.26 -2.82 6.55
CA LEU A 142 1.85 -2.59 6.28
C LEU A 142 1.22 -3.78 5.55
N LEU A 143 0.05 -4.20 6.02
CA LEU A 143 -0.70 -5.24 5.34
C LEU A 143 -1.75 -4.59 4.46
N GLU A 144 -1.79 -4.99 3.20
CA GLU A 144 -2.72 -4.44 2.23
C GLU A 144 -3.88 -5.41 2.06
N ASN A 145 -5.11 -4.90 1.98
CA ASN A 145 -6.23 -5.74 1.60
C ASN A 145 -6.16 -5.98 0.09
N VAL A 146 -6.59 -7.15 -0.35
CA VAL A 146 -6.44 -7.55 -1.74
C VAL A 146 -7.73 -8.09 -2.33
N SER A 147 -7.69 -8.51 -3.59
CA SER A 147 -8.86 -9.07 -4.24
C SER A 147 -8.96 -10.56 -3.93
N GLN A 148 -10.17 -11.10 -3.99
CA GLN A 148 -10.37 -12.51 -3.70
C GLN A 148 -10.14 -13.38 -4.95
N LYS A 149 -8.87 -13.54 -5.32
CA LYS A 149 -8.52 -14.36 -6.48
C LYS A 149 -7.66 -15.52 -5.99
N GLY A 150 -7.89 -16.70 -6.54
CA GLY A 150 -7.15 -17.89 -6.13
C GLY A 150 -7.13 -18.00 -4.61
N GLY A 151 -5.93 -18.19 -4.05
CA GLY A 151 -5.78 -18.33 -2.62
C GLY A 151 -5.35 -17.07 -1.88
N ASN A 152 -5.62 -15.91 -2.48
CA ASN A 152 -5.31 -14.64 -1.81
C ASN A 152 -5.92 -14.55 -0.42
N ILE A 153 -5.08 -14.18 0.54
CA ILE A 153 -5.53 -13.91 1.90
C ILE A 153 -5.51 -12.40 2.15
N GLY A 154 -6.63 -11.86 2.63
CA GLY A 154 -6.71 -10.46 2.97
C GLY A 154 -7.79 -9.69 2.22
N TYR A 155 -8.67 -10.40 1.52
CA TYR A 155 -9.75 -9.73 0.78
C TYR A 155 -10.83 -9.20 1.72
N LYS A 156 -10.84 -9.71 2.95
CA LYS A 156 -11.66 -9.16 4.01
C LYS A 156 -10.74 -8.60 5.09
N LEU A 157 -11.05 -7.40 5.58
CA LEU A 157 -10.23 -6.76 6.61
C LEU A 157 -10.10 -7.64 7.86
N GLU A 158 -11.12 -8.47 8.07
CA GLU A 158 -11.12 -9.42 9.19
C GLU A 158 -9.87 -10.29 9.16
N GLN A 159 -9.42 -10.62 7.95
CA GLN A 159 -8.26 -11.48 7.76
C GLN A 159 -6.95 -10.80 8.14
N LEU A 160 -6.88 -9.49 7.90
CA LEU A 160 -5.68 -8.74 8.25
C LEU A 160 -5.55 -8.67 9.77
N LYS A 161 -6.69 -8.55 10.44
CA LYS A 161 -6.70 -8.44 11.90
C LYS A 161 -6.29 -9.77 12.55
N LYS A 162 -6.78 -10.88 11.99
CA LYS A 162 -6.40 -12.20 12.49
C LYS A 162 -4.90 -12.39 12.45
N ILE A 163 -4.29 -11.95 11.36
CA ILE A 163 -2.84 -12.01 11.20
C ILE A 163 -2.18 -11.12 12.24
N ARG A 164 -2.65 -9.88 12.32
CA ARG A 164 -2.01 -8.88 13.15
C ARG A 164 -2.08 -9.19 14.65
N ASP A 165 -3.21 -9.69 15.11
CA ASP A 165 -3.39 -9.99 16.53
C ASP A 165 -2.52 -11.17 17.01
N LEU A 166 -1.92 -11.90 16.08
CA LEU A 166 -1.09 -13.06 16.42
C LEU A 166 0.41 -12.77 16.34
N VAL A 167 0.75 -11.62 15.76
CA VAL A 167 2.15 -11.24 15.58
C VAL A 167 2.78 -10.78 16.89
N ASP A 168 4.06 -11.08 17.09
CA ASP A 168 4.77 -10.70 18.31
C ASP A 168 4.83 -9.18 18.45
N GLN A 169 5.20 -8.49 17.38
CA GLN A 169 5.38 -7.05 17.43
C GLN A 169 4.26 -6.32 16.68
N ARG A 170 3.07 -6.30 17.27
CA ARG A 170 1.89 -5.70 16.67
C ARG A 170 2.07 -4.22 16.34
N ASP A 171 2.89 -3.53 17.12
CA ASP A 171 3.09 -2.10 16.88
C ASP A 171 3.84 -1.86 15.58
N ARG A 172 4.46 -2.91 15.04
CA ARG A 172 5.19 -2.79 13.79
C ARG A 172 4.44 -3.48 12.65
N VAL A 173 3.13 -3.64 12.84
CA VAL A 173 2.25 -4.09 11.78
C VAL A 173 1.10 -3.09 11.69
N ALA A 174 0.87 -2.54 10.50
CA ALA A 174 -0.24 -1.64 10.29
C ALA A 174 -0.98 -1.97 9.00
N ILE A 175 -1.86 -1.08 8.56
CA ILE A 175 -2.78 -1.39 7.49
C ILE A 175 -2.75 -0.40 6.32
N THR A 176 -2.87 -0.94 5.10
CA THR A 176 -3.04 -0.14 3.89
C THR A 176 -4.39 -0.50 3.27
N TYR A 177 -5.17 0.51 2.88
CA TYR A 177 -6.45 0.22 2.21
C TYR A 177 -6.41 0.54 0.72
N ASP A 178 -6.57 -0.49 -0.10
CA ASP A 178 -6.61 -0.32 -1.55
C ASP A 178 -8.07 -0.28 -1.98
N THR A 179 -8.46 0.84 -2.58
CA THR A 179 -9.85 1.06 -2.92
C THR A 179 -10.36 0.12 -4.02
N CYS A 180 -9.47 -0.31 -4.90
CA CYS A 180 -9.87 -1.24 -5.97
C CYS A 180 -10.02 -2.67 -5.45
N HIS A 181 -9.08 -3.12 -4.64
CA HIS A 181 -9.18 -4.43 -4.01
C HIS A 181 -10.42 -4.49 -3.12
N GLY A 182 -10.63 -3.44 -2.32
CA GLY A 182 -11.80 -3.36 -1.48
C GLY A 182 -13.09 -3.42 -2.28
N PHE A 183 -13.13 -2.68 -3.39
CA PHE A 183 -14.31 -2.62 -4.23
C PHE A 183 -14.61 -4.00 -4.81
N ASP A 184 -13.55 -4.67 -5.27
CA ASP A 184 -13.65 -6.06 -5.71
C ASP A 184 -14.30 -6.94 -4.65
N SER A 185 -14.08 -6.60 -3.39
CA SER A 185 -14.48 -7.44 -2.28
C SER A 185 -15.78 -7.00 -1.60
N GLY A 186 -16.47 -6.05 -2.20
CA GLY A 186 -17.75 -5.61 -1.65
C GLY A 186 -17.71 -4.36 -0.78
N TYR A 187 -16.54 -3.76 -0.61
CA TYR A 187 -16.45 -2.52 0.18
C TYR A 187 -16.86 -1.32 -0.66
N ASP A 188 -18.09 -0.86 -0.47
CA ASP A 188 -18.69 0.17 -1.32
C ASP A 188 -18.44 1.59 -0.82
N ILE A 189 -17.33 2.18 -1.23
CA ILE A 189 -16.98 3.54 -0.83
C ILE A 189 -17.68 4.59 -1.69
N THR A 190 -18.58 4.15 -2.57
CA THR A 190 -19.30 5.10 -3.43
C THR A 190 -20.56 5.60 -2.73
N LYS A 191 -20.87 4.98 -1.59
CA LYS A 191 -21.98 5.42 -0.74
C LYS A 191 -21.42 5.80 0.62
N LYS A 192 -21.94 6.87 1.21
CA LYS A 192 -21.43 7.32 2.51
C LYS A 192 -21.63 6.25 3.58
N GLU A 193 -22.71 5.49 3.48
CA GLU A 193 -22.95 4.38 4.41
C GLU A 193 -21.83 3.36 4.28
N GLY A 194 -21.36 3.16 3.06
CA GLY A 194 -20.28 2.24 2.78
C GLY A 194 -18.99 2.71 3.42
N VAL A 195 -18.67 3.99 3.23
CA VAL A 195 -17.48 4.58 3.82
C VAL A 195 -17.55 4.53 5.35
N GLU A 196 -18.71 4.89 5.90
CA GLU A 196 -18.92 4.84 7.35
C GLU A 196 -18.68 3.43 7.89
N ALA A 197 -19.23 2.43 7.22
CA ALA A 197 -19.05 1.04 7.61
C ALA A 197 -17.58 0.64 7.52
N LEU A 198 -16.90 1.09 6.46
CA LEU A 198 -15.49 0.81 6.29
C LEU A 198 -14.71 1.37 7.47
N LEU A 199 -14.92 2.65 7.76
CA LEU A 199 -14.25 3.32 8.87
C LEU A 199 -14.50 2.60 10.19
N ASN A 200 -15.77 2.29 10.48
CA ASN A 200 -16.12 1.57 11.70
C ASN A 200 -15.40 0.21 11.80
N GLU A 201 -15.26 -0.46 10.67
CA GLU A 201 -14.60 -1.76 10.63
C GLU A 201 -13.11 -1.60 10.93
N ILE A 202 -12.49 -0.59 10.31
CA ILE A 202 -11.09 -0.30 10.55
C ILE A 202 -10.85 0.13 12.01
N GLU A 203 -11.72 0.99 12.52
CA GLU A 203 -11.62 1.46 13.90
C GLU A 203 -11.72 0.31 14.90
N SER A 204 -12.64 -0.61 14.63
CA SER A 204 -12.91 -1.73 15.51
C SER A 204 -11.86 -2.83 15.42
N LEU A 205 -11.40 -3.08 14.20
CA LEU A 205 -10.44 -4.15 13.95
C LEU A 205 -9.00 -3.78 14.32
N PHE A 206 -8.61 -2.54 14.03
CA PHE A 206 -7.22 -2.12 14.20
C PHE A 206 -7.07 -0.82 15.00
N GLY A 207 -8.04 0.08 14.84
CA GLY A 207 -7.88 1.44 15.32
C GLY A 207 -7.45 2.30 14.15
N LEU A 208 -7.97 3.52 14.09
CA LEU A 208 -7.78 4.36 12.90
C LEU A 208 -6.34 4.81 12.66
N GLU A 209 -5.51 4.82 13.70
CA GLU A 209 -4.13 5.22 13.50
C GLU A 209 -3.32 4.10 12.84
N ARG A 210 -3.90 2.91 12.74
CA ARG A 210 -3.27 1.80 12.03
C ARG A 210 -3.41 1.93 10.53
N LEU A 211 -4.28 2.81 10.09
CA LEU A 211 -4.45 3.06 8.65
C LEU A 211 -3.36 4.04 8.21
N LYS A 212 -2.31 3.53 7.58
CA LYS A 212 -1.13 4.33 7.26
C LYS A 212 -1.12 4.85 5.83
N MET A 213 -1.84 4.16 4.95
CA MET A 213 -1.83 4.47 3.52
C MET A 213 -3.11 4.03 2.84
N ILE A 214 -3.56 4.83 1.87
CA ILE A 214 -4.65 4.44 0.99
C ILE A 214 -4.08 4.25 -0.40
N HIS A 215 -4.29 3.08 -0.98
CA HIS A 215 -3.96 2.88 -2.39
C HIS A 215 -5.17 3.34 -3.20
N LEU A 216 -5.04 4.48 -3.85
CA LEU A 216 -6.16 5.09 -4.55
C LEU A 216 -6.22 4.57 -5.99
N ASN A 217 -7.08 3.58 -6.21
CA ASN A 217 -7.27 3.00 -7.53
C ASN A 217 -8.75 2.94 -7.88
N ASP A 218 -9.10 3.40 -9.08
CA ASP A 218 -10.44 3.15 -9.60
C ASP A 218 -10.43 1.70 -10.08
N SER A 219 -11.59 1.16 -10.44
CA SER A 219 -11.67 -0.23 -10.86
C SER A 219 -12.21 -0.40 -12.28
N LYS A 220 -11.65 -1.35 -13.01
CA LYS A 220 -12.14 -1.71 -14.33
C LYS A 220 -13.48 -2.45 -14.23
N TYR A 221 -13.81 -2.92 -13.04
CA TYR A 221 -14.96 -3.79 -12.85
C TYR A 221 -15.88 -3.34 -11.72
N PRO A 222 -17.12 -3.85 -11.72
CA PRO A 222 -18.14 -3.46 -10.74
C PRO A 222 -17.81 -3.92 -9.32
N LEU A 223 -18.51 -3.35 -8.36
CA LEU A 223 -18.43 -3.77 -6.96
C LEU A 223 -18.63 -5.27 -6.87
N GLY A 224 -17.72 -5.96 -6.21
CA GLY A 224 -17.83 -7.38 -5.99
C GLY A 224 -17.23 -8.26 -7.08
N ALA A 225 -16.63 -7.64 -8.10
CA ALA A 225 -16.10 -8.36 -9.25
C ALA A 225 -14.96 -9.32 -8.93
N ALA A 226 -14.14 -8.99 -7.94
CA ALA A 226 -12.96 -9.80 -7.61
C ALA A 226 -12.07 -10.00 -8.83
N LYS A 227 -11.77 -8.93 -9.56
CA LYS A 227 -11.04 -9.03 -10.82
C LYS A 227 -9.62 -8.50 -10.75
N ASP A 228 -9.38 -7.58 -9.83
CA ASP A 228 -8.06 -6.98 -9.63
C ASP A 228 -7.48 -6.35 -10.90
N ARG A 229 -8.24 -5.45 -11.51
CA ARG A 229 -7.73 -4.62 -12.60
C ARG A 229 -7.94 -3.15 -12.23
N HIS A 230 -6.84 -2.41 -12.09
CA HIS A 230 -6.90 -1.00 -11.72
C HIS A 230 -7.35 -0.11 -12.87
N GLU A 231 -7.90 1.05 -12.54
CA GLU A 231 -8.37 1.99 -13.54
C GLU A 231 -8.06 3.44 -13.12
N ARG A 232 -7.82 4.30 -14.11
CA ARG A 232 -7.56 5.71 -13.89
C ARG A 232 -8.68 6.32 -13.04
N ILE A 233 -8.32 7.29 -12.20
CA ILE A 233 -9.30 7.93 -11.32
C ILE A 233 -10.38 8.62 -12.13
N GLY A 234 -11.64 8.26 -11.89
CA GLY A 234 -12.75 8.85 -12.59
C GLY A 234 -13.21 8.07 -13.81
N SER A 235 -12.38 7.14 -14.28
CA SER A 235 -12.69 6.36 -15.48
C SER A 235 -13.27 4.97 -15.19
N GLY A 236 -13.46 4.64 -13.92
CA GLY A 236 -13.90 3.31 -13.55
C GLY A 236 -15.25 3.24 -12.87
N PHE A 237 -15.52 2.09 -12.26
CA PHE A 237 -16.82 1.84 -11.63
C PHE A 237 -16.98 2.48 -10.26
N ILE A 238 -15.92 3.09 -9.75
CA ILE A 238 -16.04 3.92 -8.56
C ILE A 238 -16.44 5.32 -9.01
N GLY A 239 -15.71 5.84 -9.99
CA GLY A 239 -16.07 7.06 -10.67
C GLY A 239 -15.77 8.34 -9.91
N GLU A 240 -16.09 9.47 -10.53
CA GLU A 240 -15.92 10.77 -9.90
C GLU A 240 -16.82 10.91 -8.69
N GLU A 241 -18.08 10.48 -8.84
CA GLU A 241 -19.05 10.56 -7.75
C GLU A 241 -18.64 9.70 -6.55
N GLY A 242 -18.24 8.46 -6.83
CA GLY A 242 -17.80 7.55 -5.79
C GLY A 242 -16.63 8.11 -5.01
N PHE A 243 -15.60 8.56 -5.72
CA PHE A 243 -14.44 9.14 -5.06
C PHE A 243 -14.77 10.43 -4.32
N ALA A 244 -15.72 11.20 -4.85
CA ALA A 244 -16.15 12.43 -4.19
C ALA A 244 -16.71 12.15 -2.80
N VAL A 245 -17.53 11.10 -2.70
CA VAL A 245 -18.06 10.66 -1.41
C VAL A 245 -16.91 10.23 -0.48
N PHE A 246 -16.09 9.32 -0.97
CA PHE A 246 -14.92 8.83 -0.24
C PHE A 246 -14.06 9.98 0.29
N PHE A 247 -13.80 10.97 -0.56
CA PHE A 247 -12.94 12.10 -0.23
C PHE A 247 -13.54 13.02 0.84
N SER A 248 -14.85 12.94 1.04
CA SER A 248 -15.54 13.86 1.93
C SER A 248 -15.30 13.54 3.40
N PHE A 249 -14.73 12.38 3.68
CA PHE A 249 -14.50 11.97 5.05
C PHE A 249 -13.14 12.44 5.56
N LYS A 250 -13.15 13.20 6.67
CA LYS A 250 -11.93 13.72 7.27
C LYS A 250 -10.97 12.58 7.62
N GLU A 251 -11.52 11.46 8.07
CA GLU A 251 -10.71 10.30 8.39
C GLU A 251 -9.93 9.82 7.17
N ILE A 252 -10.55 9.92 6.00
CA ILE A 252 -9.89 9.53 4.75
C ILE A 252 -8.83 10.54 4.36
N GLN A 253 -9.14 11.82 4.55
CA GLN A 253 -8.19 12.89 4.24
C GLN A 253 -6.93 12.82 5.11
N GLU A 254 -7.08 12.27 6.32
CA GLU A 254 -5.96 12.12 7.24
C GLU A 254 -4.85 11.21 6.70
N VAL A 255 -5.21 10.37 5.74
CA VAL A 255 -4.29 9.35 5.24
C VAL A 255 -3.82 9.70 3.82
N PRO A 256 -2.52 9.45 3.54
CA PRO A 256 -1.95 9.69 2.20
C PRO A 256 -2.60 8.84 1.12
N TRP A 257 -3.00 9.46 0.02
CA TRP A 257 -3.58 8.75 -1.11
C TRP A 257 -2.50 8.46 -2.16
N ILE A 258 -2.21 7.19 -2.36
CA ILE A 258 -1.18 6.76 -3.29
C ILE A 258 -1.76 6.07 -4.51
N LEU A 259 -1.51 6.64 -5.69
CA LEU A 259 -2.01 6.09 -6.95
C LEU A 259 -1.23 4.85 -7.40
N GLU A 260 -1.97 3.83 -7.83
CA GLU A 260 -1.39 2.68 -8.50
C GLU A 260 -2.16 2.44 -9.79
N THR A 261 -2.73 3.51 -10.31
CA THR A 261 -3.53 3.46 -11.53
C THR A 261 -2.62 3.28 -12.75
N PRO A 262 -3.17 2.79 -13.87
CA PRO A 262 -2.35 2.48 -15.04
C PRO A 262 -1.53 3.67 -15.52
N GLY A 263 -0.35 3.42 -16.07
CA GLY A 263 0.48 4.47 -16.61
C GLY A 263 1.67 4.83 -15.74
N GLY A 264 2.36 5.92 -16.09
CA GLY A 264 3.52 6.37 -15.34
C GLY A 264 3.33 7.77 -14.78
N ASN A 265 4.44 8.47 -14.55
CA ASN A 265 4.42 9.82 -13.97
C ASN A 265 3.45 10.74 -14.70
N GLU A 266 3.44 10.65 -16.03
CA GLU A 266 2.61 11.52 -16.86
C GLU A 266 1.13 11.28 -16.62
N GLU A 267 0.73 10.01 -16.58
CA GLU A 267 -0.67 9.65 -16.35
C GLU A 267 -1.08 9.96 -14.92
N HIS A 268 -0.16 9.77 -13.98
CA HIS A 268 -0.45 9.99 -12.58
C HIS A 268 -0.58 11.47 -12.22
N ALA A 269 0.14 12.32 -12.95
CA ALA A 269 0.00 13.75 -12.78
C ALA A 269 -1.41 14.18 -13.15
N GLU A 270 -1.96 13.54 -14.18
CA GLU A 270 -3.33 13.81 -14.62
C GLU A 270 -4.34 13.32 -13.58
N ASP A 271 -4.12 12.12 -13.05
CA ASP A 271 -5.00 11.59 -12.01
C ASP A 271 -5.02 12.50 -10.79
N ILE A 272 -3.86 13.04 -10.44
CA ILE A 272 -3.77 13.96 -9.31
C ILE A 272 -4.57 15.23 -9.58
N LYS A 273 -4.41 15.80 -10.76
CA LYS A 273 -5.25 16.91 -11.21
C LYS A 273 -6.74 16.55 -11.15
N LYS A 274 -7.08 15.36 -11.62
CA LYS A 274 -8.45 14.86 -11.57
C LYS A 274 -9.02 14.83 -10.15
N VAL A 275 -8.19 14.39 -9.20
CA VAL A 275 -8.63 14.31 -7.80
C VAL A 275 -9.00 15.68 -7.25
N PHE A 276 -8.18 16.68 -7.53
CA PHE A 276 -8.47 18.04 -7.07
C PHE A 276 -9.65 18.62 -7.84
N GLU A 277 -9.77 18.22 -9.10
CA GLU A 277 -10.90 18.61 -9.93
C GLU A 277 -12.20 18.06 -9.35
N ILE A 278 -12.18 16.80 -8.96
CA ILE A 278 -13.31 16.18 -8.28
C ILE A 278 -13.64 16.91 -6.99
N ILE A 279 -12.60 17.22 -6.22
CA ILE A 279 -12.76 17.92 -4.95
C ILE A 279 -13.41 19.28 -5.15
N GLU A 280 -12.94 20.02 -6.16
CA GLU A 280 -13.50 21.32 -6.47
C GLU A 280 -14.93 21.22 -7.00
N LYS A 281 -15.13 20.32 -7.97
CA LYS A 281 -16.43 20.17 -8.63
C LYS A 281 -17.55 19.76 -7.68
N PHE A 282 -17.25 18.89 -6.72
CA PHE A 282 -18.27 18.41 -5.80
C PHE A 282 -18.30 19.18 -4.50
N GLY A 283 -17.51 20.25 -4.44
CA GLY A 283 -17.50 21.12 -3.27
C GLY A 283 -17.08 20.42 -2.00
N ILE A 284 -16.02 19.62 -2.09
CA ILE A 284 -15.53 18.89 -0.92
C ILE A 284 -14.65 19.76 -0.04
N GLU A 285 -14.92 19.73 1.26
CA GLU A 285 -14.06 20.40 2.24
C GLU A 285 -13.04 19.38 2.73
N VAL A 286 -11.77 19.76 2.78
CA VAL A 286 -11.31 21.09 2.41
C VAL A 286 -11.32 21.29 0.89
ZN ZN B . 0.00 -3.85 -3.46
CD CD C . -2.49 -1.78 -3.77
CD CD D . -4.03 -4.86 -7.58
N1 BCN E . -2.67 -5.38 -9.74
C1 BCN E . -1.71 -4.25 -9.63
C2 BCN E . -1.03 -4.08 -8.26
O21 BCN E . -1.76 -4.10 -7.23
O22 BCN E . 0.20 -3.88 -8.26
C3 BCN E . -3.16 -5.33 -11.12
C4 BCN E . -3.81 -3.97 -11.39
O4 BCN E . -4.29 -3.89 -12.74
C5 BCN E . -2.06 -6.72 -9.55
C6 BCN E . -1.57 -7.00 -8.12
O6 BCN E . -2.65 -6.96 -7.19
#